data_4JMF
#
_entry.id   4JMF
#
_cell.length_a   78.322
_cell.length_b   78.322
_cell.length_c   194.221
_cell.angle_alpha   90.000
_cell.angle_beta   90.000
_cell.angle_gamma   120.000
#
_symmetry.space_group_name_H-M   'P 61 2 2'
#
loop_
_entity.id
_entity.type
_entity.pdbx_description
1 polymer 'Exoenzyme T'
2 polymer 'Probable chaperone'
3 non-polymer GLYCEROL
4 water water
#
loop_
_entity_poly.entity_id
_entity_poly.type
_entity_poly.pdbx_seq_one_letter_code
_entity_poly.pdbx_strand_id
1 'polypeptide(L)' EARQVATPREAQQLAQRQEAPKGEGLLSRLGAALARPFVAIIEWLGKLLG A
2 'polypeptide(L)'
;MNPLYRAAIHQLFLALDLPTPNDEESVLSLQVGPHLCHLAEHPTDHLLMFTRLEGQGDATANEQNLFSQDPCKPILGRDP
ESGERLLWNRQPLQLLDRAQIHHQLEQLVAAAEELR
;
B,C
#
loop_
_chem_comp.id
_chem_comp.type
_chem_comp.name
_chem_comp.formula
GOL non-polymer GLYCEROL 'C3 H8 O3'
#
# COMPACT_ATOMS: atom_id res chain seq x y z
N GLU A 1 4.68 -25.93 -7.00
CA GLU A 1 3.58 -26.35 -7.88
C GLU A 1 3.00 -25.16 -8.65
N ALA A 2 3.76 -24.68 -9.64
CA ALA A 2 3.39 -23.47 -10.37
C ALA A 2 3.49 -23.63 -11.88
N ARG A 3 2.46 -23.18 -12.60
CA ARG A 3 2.48 -23.17 -14.06
C ARG A 3 2.06 -21.81 -14.61
N GLN A 4 2.72 -21.36 -15.67
CA GLN A 4 2.29 -20.17 -16.38
C GLN A 4 1.10 -20.48 -17.30
N VAL A 5 0.09 -19.62 -17.26
CA VAL A 5 -1.10 -19.80 -18.08
C VAL A 5 -1.44 -18.50 -18.79
N ALA A 6 -2.42 -18.54 -19.70
CA ALA A 6 -2.83 -17.34 -20.40
C ALA A 6 -3.51 -16.37 -19.43
N THR A 7 -3.37 -15.08 -19.70
CA THR A 7 -4.02 -14.07 -18.87
C THR A 7 -5.41 -13.77 -19.41
N PRO A 8 -6.45 -13.95 -18.57
CA PRO A 8 -7.81 -13.60 -19.03
C PRO A 8 -7.91 -12.12 -19.33
N ARG A 9 -8.76 -11.75 -20.27
CA ARG A 9 -8.88 -10.37 -20.72
C ARG A 9 -9.19 -9.40 -19.57
N GLU A 10 -10.07 -9.80 -18.66
CA GLU A 10 -10.44 -8.90 -17.57
C GLU A 10 -9.30 -8.66 -16.58
N ALA A 11 -8.40 -9.61 -16.45
CA ALA A 11 -7.23 -9.43 -15.60
C ALA A 11 -6.29 -8.42 -16.26
N GLN A 12 -6.16 -8.50 -17.58
CA GLN A 12 -5.38 -7.52 -18.33
C GLN A 12 -5.88 -6.12 -18.05
N GLN A 13 -7.21 -5.95 -18.11
CA GLN A 13 -7.82 -4.63 -17.89
C GLN A 13 -7.60 -4.15 -16.45
N LEU A 14 -7.80 -5.05 -15.50
CA LEU A 14 -7.61 -4.70 -14.08
C LEU A 14 -6.19 -4.22 -13.82
N ALA A 15 -5.23 -4.87 -14.46
CA ALA A 15 -3.81 -4.67 -14.20
C ALA A 15 -3.31 -3.29 -14.64
N GLN A 16 -4.14 -2.54 -15.35
CA GLN A 16 -3.79 -1.18 -15.72
C GLN A 16 -4.87 -0.16 -15.35
N ARG A 17 -5.70 -0.50 -14.37
CA ARG A 17 -6.75 0.41 -13.95
C ARG A 17 -6.22 1.78 -13.49
N GLN A 18 -6.89 2.84 -13.95
CA GLN A 18 -6.55 4.22 -13.60
C GLN A 18 -7.70 4.82 -12.85
N GLU A 19 -7.42 5.62 -11.82
CA GLU A 19 -8.44 6.48 -11.22
C GLU A 19 -8.01 7.92 -11.49
N ALA A 20 -8.97 8.83 -11.55
CA ALA A 20 -8.64 10.23 -11.77
C ALA A 20 -7.80 10.78 -10.61
N PRO A 21 -6.86 11.69 -10.89
CA PRO A 21 -6.07 12.31 -9.81
C PRO A 21 -6.99 12.98 -8.80
N LYS A 22 -6.57 12.98 -7.53
CA LYS A 22 -7.36 13.69 -6.52
C LYS A 22 -6.47 14.44 -5.54
N GLY A 23 -7.04 15.44 -4.90
CA GLY A 23 -6.35 16.16 -3.84
C GLY A 23 -5.38 17.19 -4.35
N GLU A 24 -5.43 17.49 -5.64
CA GLU A 24 -4.56 18.53 -6.18
C GLU A 24 -4.83 19.85 -5.46
N GLY A 25 -3.77 20.47 -4.93
CA GLY A 25 -3.87 21.71 -4.18
C GLY A 25 -4.53 21.57 -2.81
N LEU A 26 -4.91 20.35 -2.43
CA LEU A 26 -5.65 20.14 -1.17
C LEU A 26 -4.85 20.50 0.09
N LEU A 27 -3.58 20.08 0.17
CA LEU A 27 -2.77 20.42 1.34
C LEU A 27 -2.61 21.95 1.50
N SER A 28 -2.37 22.64 0.38
CA SER A 28 -2.26 24.11 0.42
C SER A 28 -3.56 24.77 0.88
N ARG A 29 -4.69 24.21 0.46
CA ARG A 29 -5.98 24.77 0.83
C ARG A 29 -6.34 24.56 2.31
N LEU A 30 -6.13 23.36 2.84
CA LEU A 30 -6.49 23.06 4.23
C LEU A 30 -5.48 23.60 5.24
N GLY A 31 -4.22 23.72 4.84
CA GLY A 31 -3.16 24.12 5.75
C GLY A 31 -2.78 22.97 6.67
N ALA A 32 -1.60 23.08 7.29
CA ALA A 32 -1.13 22.06 8.22
C ALA A 32 -0.38 22.69 9.39
N ALA A 33 -0.49 22.07 10.55
CA ALA A 33 0.23 22.52 11.73
C ALA A 33 0.70 21.30 12.51
N LEU A 34 1.74 21.46 13.31
CA LEU A 34 2.17 20.38 14.18
C LEU A 34 1.02 20.16 15.14
N ALA A 35 0.87 18.93 15.63
CA ALA A 35 -0.18 18.64 16.60
C ALA A 35 0.42 18.04 17.85
N ARG A 36 -0.26 18.26 18.98
CA ARG A 36 0.15 17.71 20.27
C ARG A 36 -1.01 16.91 20.84
N PRO A 37 -1.23 15.70 20.33
CA PRO A 37 -2.41 14.96 20.81
C PRO A 37 -2.16 14.31 22.16
N PHE A 38 -3.21 13.81 22.82
CA PHE A 38 -3.05 13.12 24.11
C PHE A 38 -1.85 12.21 24.09
N VAL A 39 -1.11 12.21 25.20
CA VAL A 39 0.00 11.30 25.41
C VAL A 39 -0.46 9.87 25.22
N ALA A 40 -1.69 9.60 25.67
CA ALA A 40 -2.27 8.27 25.57
C ALA A 40 -2.33 7.75 24.14
N ILE A 41 -2.60 8.65 23.19
CA ILE A 41 -2.67 8.24 21.79
C ILE A 41 -1.27 7.87 21.32
N ILE A 42 -0.31 8.71 21.65
CA ILE A 42 1.08 8.54 21.23
C ILE A 42 1.67 7.24 21.78
N GLU A 43 1.46 6.99 23.07
CA GLU A 43 1.94 5.77 23.70
C GLU A 43 1.27 4.51 23.12
N TRP A 44 -0.03 4.57 22.90
CA TRP A 44 -0.74 3.45 22.30
C TRP A 44 -0.23 3.18 20.87
N LEU A 45 -0.10 4.24 20.09
CA LEU A 45 0.41 4.10 18.73
C LEU A 45 1.76 3.43 18.74
N GLY A 46 2.60 3.75 19.73
CA GLY A 46 3.89 3.09 19.86
C GLY A 46 3.78 1.61 20.11
N LYS A 47 2.79 1.20 20.89
CA LYS A 47 2.60 -0.23 21.14
C LYS A 47 1.99 -0.90 19.92
N LEU A 48 1.11 -0.20 19.22
CA LEU A 48 0.49 -0.78 18.03
C LEU A 48 1.57 -1.03 16.98
N LEU A 49 2.45 -0.05 16.80
CA LEU A 49 3.47 -0.13 15.76
C LEU A 49 4.60 -1.08 16.12
N GLY A 50 4.87 -1.25 17.41
CA GLY A 50 5.83 -2.24 17.86
C GLY A 50 5.20 -3.62 17.81
N MET B 1 17.18 8.83 16.03
CA MET B 1 16.41 8.10 15.03
C MET B 1 17.28 7.73 13.83
N ASN B 2 16.69 6.97 12.90
CA ASN B 2 17.30 6.69 11.60
C ASN B 2 17.49 8.01 10.82
N PRO B 3 18.76 8.35 10.53
CA PRO B 3 19.09 9.59 9.81
C PRO B 3 18.31 9.77 8.52
N LEU B 4 18.02 8.69 7.82
CA LEU B 4 17.29 8.74 6.56
C LEU B 4 15.82 9.09 6.78
N TYR B 5 15.26 8.64 7.90
CA TYR B 5 13.90 8.99 8.27
C TYR B 5 13.84 10.45 8.70
N ARG B 6 14.80 10.88 9.52
CA ARG B 6 14.84 12.28 9.94
C ARG B 6 14.91 13.20 8.73
N ALA B 7 15.73 12.83 7.75
CA ALA B 7 15.91 13.63 6.54
C ALA B 7 14.62 13.71 5.75
N ALA B 8 13.88 12.61 5.65
CA ALA B 8 12.59 12.61 4.96
C ALA B 8 11.57 13.50 5.67
N ILE B 9 11.50 13.38 6.98
CA ILE B 9 10.62 14.25 7.77
C ILE B 9 10.98 15.72 7.51
N HIS B 10 12.28 16.02 7.52
CA HIS B 10 12.74 17.38 7.24
C HIS B 10 12.20 17.90 5.90
N GLN B 11 12.29 17.08 4.87
CA GLN B 11 11.76 17.47 3.56
C GLN B 11 10.27 17.74 3.61
N LEU B 12 9.51 16.89 4.33
CA LEU B 12 8.07 17.11 4.43
C LEU B 12 7.77 18.43 5.10
N PHE B 13 8.54 18.77 6.13
CA PHE B 13 8.27 20.02 6.83
C PHE B 13 8.58 21.25 5.99
N LEU B 14 9.57 21.14 5.11
CA LEU B 14 9.84 22.18 4.11
C LEU B 14 8.67 22.28 3.16
N ALA B 15 8.17 21.13 2.69
CA ALA B 15 7.06 21.13 1.75
C ALA B 15 5.81 21.75 2.37
N LEU B 16 5.56 21.48 3.65
CA LEU B 16 4.35 21.99 4.30
C LEU B 16 4.58 23.37 4.93
N ASP B 17 5.81 23.87 4.83
CA ASP B 17 6.21 25.15 5.42
C ASP B 17 5.98 25.19 6.94
N LEU B 18 6.43 24.13 7.62
CA LEU B 18 6.30 24.06 9.07
C LEU B 18 7.70 24.21 9.70
N PRO B 19 7.76 24.71 10.94
CA PRO B 19 9.08 24.80 11.58
C PRO B 19 9.64 23.38 11.73
N THR B 20 10.92 23.18 11.47
CA THR B 20 11.49 21.83 11.53
C THR B 20 11.51 21.26 12.95
N PRO B 21 11.01 20.02 13.10
CA PRO B 21 10.84 19.41 14.42
C PRO B 21 12.17 18.88 14.92
N ASN B 22 12.27 18.64 16.22
CA ASN B 22 13.45 18.00 16.77
C ASN B 22 13.28 16.50 16.67
N ASP B 23 14.39 15.76 16.73
CA ASP B 23 14.33 14.31 16.69
C ASP B 23 13.37 13.84 17.78
N GLU B 24 12.14 13.54 17.37
CA GLU B 24 11.21 12.94 18.30
C GLU B 24 11.08 11.45 18.00
N GLU B 25 11.55 10.64 18.93
CA GLU B 25 11.32 9.21 18.89
C GLU B 25 9.84 8.94 18.61
N SER B 26 9.58 7.86 17.88
CA SER B 26 8.21 7.43 17.60
C SER B 26 7.44 8.35 16.66
N VAL B 27 6.19 8.63 17.06
CA VAL B 27 5.16 9.11 16.16
C VAL B 27 5.05 10.62 16.16
N LEU B 28 5.16 11.21 14.96
CA LEU B 28 4.84 12.61 14.75
C LEU B 28 3.39 12.75 14.32
N SER B 29 2.72 13.78 14.81
CA SER B 29 1.35 14.01 14.42
C SER B 29 1.20 15.39 13.79
N LEU B 30 0.31 15.49 12.81
CA LEU B 30 0.03 16.74 12.10
C LEU B 30 -1.47 16.95 12.04
N GLN B 31 -1.92 18.18 12.26
CA GLN B 31 -3.31 18.53 12.05
C GLN B 31 -3.45 19.14 10.65
N VAL B 32 -4.15 18.46 9.76
CA VAL B 32 -4.35 18.98 8.42
C VAL B 32 -5.84 19.24 8.25
N GLY B 33 -6.24 20.49 8.42
CA GLY B 33 -7.66 20.79 8.50
C GLY B 33 -8.25 19.96 9.62
N PRO B 34 -9.38 19.31 9.35
CA PRO B 34 -10.02 18.51 10.41
C PRO B 34 -9.36 17.15 10.64
N HIS B 35 -8.34 16.83 9.85
CA HIS B 35 -7.70 15.52 9.94
C HIS B 35 -6.41 15.47 10.77
N LEU B 36 -6.43 14.70 11.85
CA LEU B 36 -5.23 14.44 12.62
C LEU B 36 -4.50 13.26 11.97
N CYS B 37 -3.28 13.49 11.48
CA CYS B 37 -2.48 12.49 10.78
C CYS B 37 -1.20 12.18 11.54
N HIS B 38 -0.79 10.92 11.49
CA HIS B 38 0.41 10.46 12.20
C HIS B 38 1.43 9.90 11.21
N LEU B 39 2.73 10.03 11.54
CA LEU B 39 3.80 9.58 10.67
C LEU B 39 4.72 8.75 11.53
N ALA B 40 5.21 7.65 10.99
CA ALA B 40 6.14 6.82 11.75
C ALA B 40 7.00 6.05 10.79
N GLU B 41 8.19 5.67 11.22
CA GLU B 41 8.98 4.74 10.44
C GLU B 41 8.48 3.32 10.72
N HIS B 42 7.91 2.67 9.72
CA HIS B 42 7.27 1.37 9.98
C HIS B 42 7.00 0.65 8.68
N PRO B 43 7.73 -0.46 8.42
CA PRO B 43 8.86 -0.94 9.21
C PRO B 43 10.05 -0.08 8.91
N THR B 44 11.22 -0.51 9.35
CA THR B 44 12.46 0.19 9.07
C THR B 44 12.54 0.55 7.58
N ASP B 45 12.99 1.78 7.32
CA ASP B 45 13.17 2.31 5.96
C ASP B 45 11.89 2.55 5.16
N HIS B 46 10.74 2.48 5.84
CA HIS B 46 9.49 2.90 5.21
C HIS B 46 8.79 3.97 6.05
N LEU B 47 8.04 4.85 5.38
CA LEU B 47 7.31 5.90 6.09
C LEU B 47 5.82 5.57 6.05
N LEU B 48 5.24 5.36 7.22
CA LEU B 48 3.82 5.06 7.32
C LEU B 48 3.08 6.33 7.72
N MET B 49 2.06 6.71 6.95
CA MET B 49 1.20 7.83 7.33
C MET B 49 -0.21 7.31 7.55
N PHE B 50 -0.87 7.78 8.60
CA PHE B 50 -2.24 7.30 8.81
C PHE B 50 -3.08 8.27 9.61
N THR B 51 -4.40 8.09 9.53
CA THR B 51 -5.31 8.91 10.28
C THR B 51 -6.41 8.00 10.84
N ARG B 52 -6.78 8.23 12.10
CA ARG B 52 -7.81 7.41 12.74
C ARG B 52 -9.18 7.96 12.38
N LEU B 53 -10.03 7.11 11.82
CA LEU B 53 -11.39 7.50 11.49
C LEU B 53 -12.33 6.99 12.58
N GLU B 54 -13.61 7.30 12.45
CA GLU B 54 -14.61 6.69 13.32
C GLU B 54 -15.36 5.60 12.56
N GLY B 55 -16.49 5.94 11.95
CA GLY B 55 -17.32 4.95 11.28
C GLY B 55 -17.35 5.12 9.78
N GLN B 56 -16.71 6.18 9.30
CA GLN B 56 -16.75 6.50 7.87
C GLN B 56 -15.95 5.52 7.00
N GLY B 57 -16.30 5.46 5.72
CA GLY B 57 -15.62 4.58 4.79
C GLY B 57 -15.94 3.10 4.94
N ASP B 58 -15.24 2.28 4.15
CA ASP B 58 -15.50 0.85 4.10
C ASP B 58 -14.16 0.13 4.21
N ALA B 59 -13.89 -0.48 5.35
CA ALA B 59 -12.60 -1.15 5.57
C ALA B 59 -12.57 -2.58 5.08
N THR B 60 -13.64 -3.04 4.44
CA THR B 60 -13.70 -4.43 4.00
C THR B 60 -13.18 -4.55 2.56
N ALA B 61 -13.70 -5.53 1.81
CA ALA B 61 -13.35 -5.64 0.39
C ALA B 61 -14.08 -4.55 -0.39
N ASN B 62 -13.42 -3.41 -0.58
CA ASN B 62 -14.08 -2.30 -1.25
C ASN B 62 -13.19 -1.56 -2.24
N GLU B 63 -13.78 -0.53 -2.83
CA GLU B 63 -13.14 0.26 -3.87
C GLU B 63 -11.94 1.02 -3.31
N GLN B 64 -12.07 1.53 -2.09
CA GLN B 64 -10.95 2.22 -1.47
C GLN B 64 -9.75 1.29 -1.32
N ASN B 65 -10.04 0.00 -1.07
CA ASN B 65 -8.98 -0.98 -0.83
C ASN B 65 -8.50 -1.74 -2.07
N LEU B 66 -8.95 -1.27 -3.24
CA LEU B 66 -8.43 -1.77 -4.50
C LEU B 66 -7.29 -0.88 -4.97
N PHE B 67 -6.26 -1.49 -5.55
CA PHE B 67 -5.13 -0.72 -6.07
C PHE B 67 -5.57 0.22 -7.20
N SER B 68 -4.87 1.34 -7.35
CA SER B 68 -4.99 2.16 -8.55
C SER B 68 -3.60 2.32 -9.12
N GLN B 69 -3.42 3.28 -10.02
CA GLN B 69 -2.08 3.54 -10.58
C GLN B 69 -1.18 4.28 -9.59
N ASP B 70 -1.77 4.81 -8.51
CA ASP B 70 -0.99 5.61 -7.54
C ASP B 70 -0.76 4.80 -6.26
N PRO B 71 0.49 4.39 -6.02
CA PRO B 71 0.82 3.60 -4.82
C PRO B 71 0.53 4.31 -3.49
N CYS B 72 0.35 5.64 -3.50
CA CYS B 72 0.04 6.34 -2.26
C CYS B 72 -1.46 6.38 -1.97
N LYS B 73 -2.27 5.77 -2.83
CA LYS B 73 -3.71 5.69 -2.54
C LYS B 73 -3.83 4.93 -1.23
N PRO B 74 -4.52 5.52 -0.24
CA PRO B 74 -4.48 4.89 1.08
C PRO B 74 -5.43 3.68 1.19
N ILE B 75 -5.22 2.92 2.26
CA ILE B 75 -5.93 1.69 2.50
C ILE B 75 -6.73 1.91 3.78
N LEU B 76 -7.92 1.32 3.89
CA LEU B 76 -8.71 1.47 5.11
C LEU B 76 -8.83 0.12 5.82
N GLY B 77 -8.21 0.02 6.99
CA GLY B 77 -8.17 -1.25 7.71
C GLY B 77 -8.55 -1.05 9.16
N ARG B 78 -8.47 -2.12 9.95
CA ARG B 78 -8.95 -2.00 11.31
C ARG B 78 -8.23 -2.93 12.27
N ASP B 79 -7.75 -2.38 13.37
CA ASP B 79 -7.08 -3.16 14.39
C ASP B 79 -8.14 -4.00 15.08
N PRO B 80 -8.03 -5.34 14.99
CA PRO B 80 -9.02 -6.22 15.61
C PRO B 80 -9.09 -6.10 17.13
N GLU B 81 -8.00 -5.74 17.80
CA GLU B 81 -8.04 -5.61 19.26
C GLU B 81 -8.84 -4.39 19.71
N SER B 82 -8.33 -3.19 19.41
CA SER B 82 -8.96 -1.94 19.82
C SER B 82 -10.21 -1.64 19.01
N GLY B 83 -10.30 -2.22 17.83
CA GLY B 83 -11.39 -1.91 16.92
C GLY B 83 -11.19 -0.61 16.17
N GLU B 84 -10.05 0.05 16.39
CA GLU B 84 -9.80 1.34 15.74
C GLU B 84 -9.61 1.20 14.24
N ARG B 85 -10.32 2.03 13.49
CA ARG B 85 -10.26 2.02 12.04
C ARG B 85 -9.26 3.08 11.55
N LEU B 86 -8.29 2.64 10.75
CA LEU B 86 -7.17 3.51 10.35
C LEU B 86 -7.04 3.55 8.84
N LEU B 87 -7.04 4.76 8.29
CA LEU B 87 -6.77 4.98 6.87
C LEU B 87 -5.27 5.26 6.76
N TRP B 88 -4.56 4.52 5.90
CA TRP B 88 -3.10 4.59 5.92
C TRP B 88 -2.47 4.40 4.57
N ASN B 89 -1.27 4.94 4.40
CA ASN B 89 -0.46 4.56 3.26
C ASN B 89 1.00 4.45 3.66
N ARG B 90 1.86 3.98 2.75
CA ARG B 90 3.25 3.75 3.12
C ARG B 90 4.16 3.87 1.91
N GLN B 91 5.34 4.46 2.11
CA GLN B 91 6.30 4.59 1.04
C GLN B 91 7.68 4.26 1.56
N PRO B 92 8.53 3.69 0.69
CA PRO B 92 9.91 3.41 1.12
C PRO B 92 10.68 4.72 1.14
N LEU B 93 11.52 4.94 2.13
CA LEU B 93 12.28 6.20 2.20
C LEU B 93 13.12 6.45 0.94
N GLN B 94 13.55 5.39 0.26
CA GLN B 94 14.35 5.50 -0.97
C GLN B 94 13.64 6.25 -2.10
N LEU B 95 12.32 6.31 -2.05
CA LEU B 95 11.53 6.95 -3.12
C LEU B 95 11.01 8.33 -2.73
N LEU B 96 11.26 8.74 -1.50
CA LEU B 96 10.61 9.94 -0.98
C LEU B 96 11.50 11.16 -1.01
N ASP B 97 11.51 11.85 -2.15
CA ASP B 97 12.00 13.23 -2.16
C ASP B 97 10.89 14.17 -1.70
N ARG B 98 11.16 15.47 -1.70
CA ARG B 98 10.21 16.45 -1.20
C ARG B 98 8.83 16.39 -1.86
N ALA B 99 8.79 16.29 -3.18
CA ALA B 99 7.52 16.22 -3.88
C ALA B 99 6.76 14.96 -3.51
N GLN B 100 7.48 13.84 -3.50
CA GLN B 100 6.81 12.58 -3.25
C GLN B 100 6.27 12.45 -1.83
N ILE B 101 7.02 12.91 -0.82
CA ILE B 101 6.51 12.82 0.54
C ILE B 101 5.29 13.73 0.71
N HIS B 102 5.34 14.90 0.11
CA HIS B 102 4.20 15.81 0.07
C HIS B 102 3.01 15.08 -0.57
N HIS B 103 3.26 14.44 -1.70
CA HIS B 103 2.21 13.69 -2.41
C HIS B 103 1.60 12.58 -1.54
N GLN B 104 2.44 11.87 -0.79
CA GLN B 104 1.94 10.79 0.07
C GLN B 104 0.92 11.32 1.08
N LEU B 105 1.25 12.41 1.73
CA LEU B 105 0.33 12.97 2.72
C LEU B 105 -0.94 13.47 2.05
N GLU B 106 -0.78 14.10 0.87
CA GLU B 106 -1.91 14.68 0.18
C GLU B 106 -2.92 13.62 -0.22
N GLN B 107 -2.44 12.48 -0.70
CA GLN B 107 -3.34 11.40 -1.08
C GLN B 107 -4.05 10.81 0.14
N LEU B 108 -3.35 10.75 1.26
CA LEU B 108 -3.97 10.30 2.51
C LEU B 108 -5.12 11.24 2.85
N VAL B 109 -4.81 12.53 2.93
CA VAL B 109 -5.83 13.53 3.27
C VAL B 109 -6.96 13.61 2.25
N ALA B 110 -6.65 13.43 0.97
CA ALA B 110 -7.69 13.45 -0.05
C ALA B 110 -8.73 12.37 0.20
N ALA B 111 -8.31 11.20 0.63
CA ALA B 111 -9.29 10.13 0.86
C ALA B 111 -10.06 10.40 2.14
N ALA B 112 -9.38 10.96 3.14
CA ALA B 112 -10.03 11.27 4.40
C ALA B 112 -11.13 12.30 4.19
N GLU B 113 -10.89 13.24 3.27
CA GLU B 113 -11.84 14.31 2.95
C GLU B 113 -13.10 13.73 2.32
N GLU B 114 -12.89 12.81 1.38
CA GLU B 114 -13.98 12.20 0.63
C GLU B 114 -14.90 11.35 1.52
N LEU B 115 -14.32 10.63 2.47
CA LEU B 115 -15.03 9.54 3.16
C LEU B 115 -16.15 9.95 4.11
N ARG B 116 -17.38 9.52 3.79
CA ARG B 116 -18.54 9.70 4.66
C ARG B 116 -19.36 8.41 4.76
N MET C 1 7.65 -3.75 -21.95
CA MET C 1 8.17 -4.25 -20.68
C MET C 1 9.46 -3.52 -20.31
N ASN C 2 9.40 -2.75 -19.22
CA ASN C 2 10.60 -2.07 -18.72
C ASN C 2 11.63 -3.06 -18.15
N PRO C 3 12.93 -2.69 -18.20
CA PRO C 3 14.01 -3.63 -17.85
C PRO C 3 13.96 -4.13 -16.41
N LEU C 4 13.67 -3.25 -15.45
CA LEU C 4 13.56 -3.66 -14.05
C LEU C 4 12.49 -4.71 -13.88
N TYR C 5 11.33 -4.48 -14.50
CA TYR C 5 10.23 -5.43 -14.42
C TYR C 5 10.63 -6.75 -15.06
N ARG C 6 11.26 -6.68 -16.23
CA ARG C 6 11.67 -7.90 -16.93
C ARG C 6 12.64 -8.70 -16.07
N ALA C 7 13.63 -8.01 -15.50
CA ALA C 7 14.60 -8.66 -14.63
C ALA C 7 13.90 -9.28 -13.41
N ALA C 8 12.94 -8.55 -12.84
CA ALA C 8 12.20 -9.07 -11.71
C ALA C 8 11.42 -10.34 -12.07
N ILE C 9 10.73 -10.30 -13.21
CA ILE C 9 9.96 -11.46 -13.65
C ILE C 9 10.87 -12.68 -13.88
N HIS C 10 12.06 -12.44 -14.43
CA HIS C 10 12.98 -13.54 -14.68
C HIS C 10 13.51 -14.13 -13.38
N GLN C 11 13.80 -13.28 -12.39
CA GLN C 11 14.17 -13.74 -11.05
C GLN C 11 13.07 -14.60 -10.41
N LEU C 12 11.81 -14.16 -10.53
CA LEU C 12 10.69 -14.93 -9.98
C LEU C 12 10.58 -16.29 -10.64
N PHE C 13 10.61 -16.31 -11.98
CA PHE C 13 10.48 -17.55 -12.73
C PHE C 13 11.62 -18.54 -12.47
N LEU C 14 12.82 -18.04 -12.19
CA LEU C 14 13.94 -18.89 -11.78
C LEU C 14 13.62 -19.55 -10.44
N ALA C 15 13.14 -18.75 -9.50
CA ALA C 15 12.74 -19.25 -8.17
C ALA C 15 11.60 -20.27 -8.24
N LEU C 16 10.89 -20.29 -9.36
CA LEU C 16 9.76 -21.20 -9.54
C LEU C 16 10.12 -22.34 -10.50
N ASP C 17 11.40 -22.45 -10.85
CA ASP C 17 11.89 -23.49 -11.75
C ASP C 17 11.07 -23.56 -13.04
N LEU C 18 10.69 -22.39 -13.55
CA LEU C 18 9.88 -22.32 -14.75
C LEU C 18 10.71 -21.80 -15.92
N PRO C 19 10.37 -22.27 -17.12
CA PRO C 19 10.93 -21.67 -18.34
C PRO C 19 10.67 -20.18 -18.33
N THR C 20 11.75 -19.40 -18.43
CA THR C 20 11.65 -17.96 -18.42
C THR C 20 10.85 -17.48 -19.62
N PRO C 21 9.86 -16.60 -19.38
CA PRO C 21 8.93 -16.13 -20.42
C PRO C 21 9.40 -14.85 -21.08
N ASN C 22 8.91 -14.48 -22.27
CA ASN C 22 8.13 -15.30 -23.20
C ASN C 22 8.09 -14.44 -24.45
N ASP C 23 6.90 -13.94 -24.74
CA ASP C 23 6.74 -12.70 -25.46
C ASP C 23 7.07 -11.65 -24.42
N GLU C 24 7.01 -10.38 -24.80
CA GLU C 24 7.04 -9.34 -23.80
C GLU C 24 5.61 -8.90 -23.50
N GLU C 25 4.75 -9.90 -23.29
CA GLU C 25 3.43 -9.68 -22.69
C GLU C 25 3.63 -9.11 -21.30
N SER C 26 3.14 -7.90 -21.08
CA SER C 26 3.28 -7.21 -19.80
C SER C 26 2.65 -7.98 -18.62
N VAL C 27 1.37 -8.34 -18.78
CA VAL C 27 0.64 -9.00 -17.70
C VAL C 27 0.77 -10.51 -17.79
N LEU C 28 1.38 -11.10 -16.77
CA LEU C 28 1.57 -12.54 -16.74
C LEU C 28 0.63 -13.20 -15.75
N SER C 29 0.33 -14.48 -15.98
CA SER C 29 -0.50 -15.26 -15.07
C SER C 29 0.19 -16.55 -14.64
N LEU C 30 0.08 -16.87 -13.36
CA LEU C 30 0.60 -18.11 -12.81
C LEU C 30 -0.52 -18.84 -12.08
N GLN C 31 -0.71 -20.12 -12.39
CA GLN C 31 -1.57 -20.97 -11.57
C GLN C 31 -0.68 -21.60 -10.50
N VAL C 32 -0.90 -21.22 -9.26
CA VAL C 32 -0.16 -21.79 -8.14
C VAL C 32 -1.18 -22.56 -7.32
N GLY C 33 -1.25 -23.86 -7.55
CA GLY C 33 -2.28 -24.68 -6.96
C GLY C 33 -3.63 -24.16 -7.39
N PRO C 34 -4.52 -23.95 -6.42
CA PRO C 34 -5.89 -23.46 -6.60
C PRO C 34 -5.97 -21.99 -7.01
N HIS C 35 -4.83 -21.28 -6.97
CA HIS C 35 -4.85 -19.83 -7.13
C HIS C 35 -4.28 -19.34 -8.46
N LEU C 36 -5.14 -18.72 -9.25
CA LEU C 36 -4.72 -18.01 -10.45
C LEU C 36 -4.21 -16.63 -10.06
N CYS C 37 -2.91 -16.40 -10.23
CA CYS C 37 -2.27 -15.14 -9.84
C CYS C 37 -1.79 -14.33 -11.04
N HIS C 38 -2.03 -13.03 -10.99
CA HIS C 38 -1.62 -12.14 -12.07
C HIS C 38 -0.50 -11.20 -11.65
N LEU C 39 0.48 -11.03 -12.54
CA LEU C 39 1.59 -10.12 -12.28
C LEU C 39 1.57 -9.01 -13.33
N ALA C 40 1.80 -7.79 -12.90
CA ALA C 40 1.90 -6.68 -13.82
C ALA C 40 2.87 -5.65 -13.30
N GLU C 41 3.31 -4.76 -14.19
CA GLU C 41 4.03 -3.55 -13.80
C GLU C 41 3.00 -2.44 -13.70
N HIS C 42 2.68 -1.99 -12.49
CA HIS C 42 1.63 -0.97 -12.34
C HIS C 42 1.71 -0.26 -11.01
N PRO C 43 2.12 1.01 -11.02
CA PRO C 43 2.52 1.72 -12.24
C PRO C 43 3.97 1.36 -12.60
N THR C 44 4.57 2.16 -13.47
CA THR C 44 5.96 1.95 -13.91
C THR C 44 6.89 1.69 -12.72
N ASP C 45 7.77 0.70 -12.84
CA ASP C 45 8.73 0.40 -11.78
C ASP C 45 8.11 -0.15 -10.50
N HIS C 46 6.87 -0.62 -10.57
CA HIS C 46 6.26 -1.31 -9.44
C HIS C 46 5.75 -2.68 -9.83
N LEU C 47 6.01 -3.68 -9.00
CA LEU C 47 5.57 -5.04 -9.28
C LEU C 47 4.28 -5.32 -8.53
N LEU C 48 3.18 -5.38 -9.29
CA LEU C 48 1.86 -5.64 -8.74
C LEU C 48 1.53 -7.12 -8.89
N MET C 49 1.01 -7.72 -7.81
CA MET C 49 0.51 -9.08 -7.91
C MET C 49 -0.92 -9.13 -7.37
N PHE C 50 -1.81 -9.84 -8.07
CA PHE C 50 -3.16 -9.96 -7.56
C PHE C 50 -3.85 -11.26 -7.95
N THR C 51 -4.85 -11.64 -7.16
CA THR C 51 -5.63 -12.84 -7.41
C THR C 51 -7.08 -12.59 -7.08
N ARG C 52 -7.96 -13.01 -7.98
CA ARG C 52 -9.40 -12.88 -7.77
C ARG C 52 -9.88 -13.97 -6.83
N LEU C 53 -10.66 -13.58 -5.84
CA LEU C 53 -11.20 -14.56 -4.90
C LEU C 53 -12.47 -15.19 -5.48
N GLU C 54 -12.55 -16.52 -5.43
CA GLU C 54 -13.72 -17.25 -5.94
C GLU C 54 -14.61 -17.64 -4.77
N GLY C 55 -15.48 -16.72 -4.36
CA GLY C 55 -16.40 -16.99 -3.27
C GLY C 55 -15.77 -17.45 -1.97
N GLN C 56 -14.71 -16.78 -1.54
CA GLN C 56 -14.23 -16.91 -0.17
C GLN C 56 -15.09 -16.01 0.71
N GLY C 57 -14.84 -16.04 2.01
CA GLY C 57 -15.49 -15.09 2.90
C GLY C 57 -14.61 -13.87 3.10
N ASP C 58 -15.21 -12.80 3.62
CA ASP C 58 -14.55 -11.51 3.77
C ASP C 58 -14.86 -10.94 5.16
N ALA C 59 -15.22 -11.84 6.06
CA ALA C 59 -15.56 -11.43 7.40
C ALA C 59 -14.33 -10.87 8.09
N THR C 60 -13.16 -11.31 7.61
CA THR C 60 -11.88 -10.87 8.19
C THR C 60 -11.24 -9.75 7.35
N ALA C 61 -11.96 -9.24 6.37
CA ALA C 61 -11.39 -8.30 5.41
C ALA C 61 -10.77 -7.07 6.07
N ASN C 62 -11.43 -6.51 7.07
CA ASN C 62 -10.91 -5.26 7.60
C ASN C 62 -9.66 -5.46 8.45
N GLU C 63 -9.49 -6.66 9.00
CA GLU C 63 -8.22 -7.01 9.65
C GLU C 63 -7.13 -7.23 8.60
N GLN C 64 -7.50 -7.88 7.49
CA GLN C 64 -6.55 -8.10 6.41
C GLN C 64 -6.01 -6.78 5.88
N ASN C 65 -6.86 -5.75 5.96
CA ASN C 65 -6.56 -4.46 5.34
C ASN C 65 -5.84 -3.48 6.26
N LEU C 66 -5.46 -3.94 7.45
CA LEU C 66 -4.63 -3.13 8.33
C LEU C 66 -3.18 -3.43 8.01
N PHE C 67 -2.33 -2.42 8.06
CA PHE C 67 -0.91 -2.63 7.82
C PHE C 67 -0.31 -3.56 8.87
N SER C 68 0.77 -4.25 8.51
CA SER C 68 1.57 -5.00 9.46
C SER C 68 3.02 -4.60 9.24
N GLN C 69 3.97 -5.33 9.83
CA GLN C 69 5.39 -5.02 9.63
C GLN C 69 5.86 -5.40 8.24
N ASP C 70 5.06 -6.21 7.55
CA ASP C 70 5.42 -6.71 6.22
C ASP C 70 4.73 -5.90 5.11
N PRO C 71 5.48 -5.06 4.38
CA PRO C 71 4.89 -4.25 3.29
C PRO C 71 4.22 -5.09 2.22
N CYS C 72 4.58 -6.38 2.12
CA CYS C 72 3.93 -7.28 1.17
C CYS C 72 2.64 -7.96 1.68
N LYS C 73 2.20 -7.63 2.88
CA LYS C 73 0.93 -8.18 3.37
C LYS C 73 -0.17 -7.78 2.39
N PRO C 74 -0.88 -8.79 1.84
CA PRO C 74 -1.89 -8.47 0.82
C PRO C 74 -3.04 -7.64 1.36
N ILE C 75 -3.69 -6.92 0.45
CA ILE C 75 -4.81 -6.06 0.73
C ILE C 75 -6.01 -6.63 -0.04
N LEU C 76 -7.20 -6.57 0.56
CA LEU C 76 -8.39 -7.16 -0.07
C LEU C 76 -9.32 -6.05 -0.55
N GLY C 77 -9.47 -5.91 -1.86
CA GLY C 77 -10.29 -4.86 -2.42
C GLY C 77 -11.41 -5.40 -3.30
N ARG C 78 -12.19 -4.49 -3.89
CA ARG C 78 -13.28 -4.88 -4.80
C ARG C 78 -13.39 -3.95 -6.02
N ASP C 79 -13.46 -4.54 -7.21
CA ASP C 79 -13.69 -3.79 -8.45
C ASP C 79 -15.11 -3.22 -8.43
N PRO C 80 -15.23 -1.88 -8.43
CA PRO C 80 -16.52 -1.19 -8.28
C PRO C 80 -17.52 -1.49 -9.40
N GLU C 81 -17.03 -1.75 -10.60
CA GLU C 81 -17.91 -1.98 -11.75
C GLU C 81 -17.90 -3.45 -12.18
N SER C 82 -17.63 -4.34 -11.22
CA SER C 82 -17.52 -5.76 -11.51
C SER C 82 -17.97 -6.59 -10.31
N GLY C 83 -17.81 -6.03 -9.12
CA GLY C 83 -18.16 -6.71 -7.89
C GLY C 83 -17.14 -7.75 -7.43
N GLU C 84 -16.20 -8.09 -8.32
CA GLU C 84 -15.17 -9.07 -8.00
C GLU C 84 -14.25 -8.58 -6.89
N ARG C 85 -13.91 -9.48 -5.99
CA ARG C 85 -12.99 -9.20 -4.90
C ARG C 85 -11.58 -9.64 -5.27
N LEU C 86 -10.62 -8.75 -5.11
CA LEU C 86 -9.24 -9.02 -5.50
C LEU C 86 -8.31 -8.85 -4.31
N LEU C 87 -7.46 -9.85 -4.10
CA LEU C 87 -6.43 -9.77 -3.08
C LEU C 87 -5.16 -9.37 -3.83
N TRP C 88 -4.41 -8.41 -3.29
CA TRP C 88 -3.28 -7.86 -4.02
C TRP C 88 -2.18 -7.34 -3.12
N ASN C 89 -0.96 -7.36 -3.65
CA ASN C 89 0.15 -6.64 -3.02
C ASN C 89 1.05 -6.03 -4.10
N ARG C 90 1.95 -5.14 -3.68
CA ARG C 90 2.80 -4.44 -4.63
C ARG C 90 4.10 -3.96 -3.99
N GLN C 91 5.21 -4.05 -4.73
CA GLN C 91 6.50 -3.51 -4.29
C GLN C 91 7.12 -2.69 -5.40
N PRO C 92 7.87 -1.65 -5.03
CA PRO C 92 8.66 -0.91 -6.01
C PRO C 92 9.85 -1.75 -6.46
N LEU C 93 10.21 -1.67 -7.74
CA LEU C 93 11.25 -2.53 -8.29
C LEU C 93 12.66 -1.99 -8.14
N GLN C 94 12.76 -0.71 -7.82
CA GLN C 94 14.04 -0.02 -7.65
C GLN C 94 14.80 -0.53 -6.42
N LEU C 95 14.22 -1.51 -5.73
CA LEU C 95 14.71 -1.91 -4.41
C LEU C 95 15.04 -3.41 -4.28
N LEU C 96 14.48 -4.23 -5.16
CA LEU C 96 14.33 -5.67 -4.89
C LEU C 96 15.51 -6.62 -5.13
N ASP C 97 15.45 -7.76 -4.44
CA ASP C 97 16.21 -8.96 -4.81
C ASP C 97 15.22 -10.09 -5.12
N ARG C 98 15.73 -11.25 -5.52
CA ARG C 98 14.88 -12.40 -5.85
C ARG C 98 14.10 -12.93 -4.64
N ALA C 99 14.77 -13.02 -3.50
CA ALA C 99 14.14 -13.52 -2.29
C ALA C 99 12.93 -12.67 -1.94
N GLN C 100 13.05 -11.38 -2.19
CA GLN C 100 11.98 -10.42 -1.92
C GLN C 100 10.86 -10.47 -2.98
N ILE C 101 11.20 -10.89 -4.20
CA ILE C 101 10.20 -11.05 -5.26
C ILE C 101 9.38 -12.32 -5.03
N HIS C 102 10.07 -13.39 -4.67
CA HIS C 102 9.43 -14.66 -4.35
C HIS C 102 8.53 -14.48 -3.11
N HIS C 103 9.04 -13.73 -2.15
CA HIS C 103 8.33 -13.46 -0.90
C HIS C 103 6.98 -12.80 -1.17
N GLN C 104 6.94 -11.87 -2.12
CA GLN C 104 5.70 -11.20 -2.47
C GLN C 104 4.64 -12.19 -2.94
N LEU C 105 5.05 -13.15 -3.76
CA LEU C 105 4.10 -14.14 -4.22
C LEU C 105 3.72 -15.10 -3.08
N GLU C 106 4.67 -15.49 -2.25
CA GLU C 106 4.39 -16.31 -1.08
C GLU C 106 3.24 -15.71 -0.25
N GLN C 107 3.42 -14.43 0.09
CA GLN C 107 2.43 -13.68 0.85
C GLN C 107 1.06 -13.65 0.19
N LEU C 108 1.05 -13.48 -1.13
CA LEU C 108 -0.23 -13.43 -1.84
C LEU C 108 -0.97 -14.78 -1.74
N VAL C 109 -0.28 -15.86 -2.07
CA VAL C 109 -0.88 -17.20 -2.04
C VAL C 109 -1.30 -17.58 -0.61
N ALA C 110 -0.46 -17.25 0.37
CA ALA C 110 -0.76 -17.56 1.77
C ALA C 110 -2.05 -16.89 2.24
N ALA C 111 -2.21 -15.61 1.93
CA ALA C 111 -3.39 -14.88 2.40
C ALA C 111 -4.65 -15.40 1.72
N ALA C 112 -4.54 -15.75 0.44
CA ALA C 112 -5.67 -16.28 -0.31
C ALA C 112 -6.14 -17.62 0.29
N GLU C 113 -5.18 -18.44 0.68
CA GLU C 113 -5.48 -19.71 1.33
C GLU C 113 -6.11 -19.48 2.70
N GLU C 114 -5.47 -18.62 3.47
CA GLU C 114 -5.82 -18.41 4.86
C GLU C 114 -7.07 -17.55 5.01
N LEU C 115 -7.54 -16.96 3.91
CA LEU C 115 -8.75 -16.12 3.94
C LEU C 115 -9.99 -17.01 3.94
N ARG C 116 -10.87 -16.86 4.94
CA ARG C 116 -10.84 -15.82 5.98
C ARG C 116 -9.75 -15.96 7.06
C1 GOL D . 0.22 -0.94 -0.41
O1 GOL D . 0.79 0.21 0.18
C2 GOL D . 1.30 -2.03 -0.58
O2 GOL D . 2.00 -1.83 -1.80
C3 GOL D . 0.63 -3.42 -0.58
O3 GOL D . 1.60 -4.45 -0.75
#